data_1G05
#
_entry.id   1G05
#
_cell.length_a   37.85
_cell.length_b   78.22
_cell.length_c   104.74
_cell.angle_alpha   90
_cell.angle_beta   90
_cell.angle_gamma   90
#
_symmetry.space_group_name_H-M   'P 21 21 21'
#
loop_
_entity.id
_entity.type
_entity.pdbx_description
1 polymer 'STROMELYSIN-1 PRECURSOR'
2 non-polymer 'ZINC ION'
3 non-polymer 'CALCIUM ION'
4 non-polymer '1-BENZYL-3-(4-METHOXY-BENZENESULFONYL)-6-OXO-HEXAHYDRO-PYRIMIDINE-4-CARBOXYLIC ACID HYDROXYAMIDE'
5 water water
#
_entity_poly.entity_id   1
_entity_poly.type   'polypeptide(L)'
_entity_poly.pdbx_seq_one_letter_code
;FRTFPGIPKWRKTHLTYRIVNYTPDLPKDAVDSAVEKALKVWEEVTPLTFSRLYEGEADIMISFAVREHGDFYPFDGPGN
VLAHAYAPGPGINGDAHFDDDEQWTKDTTGTNLFLVAAHEIGHSLGLFHSANTEALMYPLYHSLTDLTRFRLSQDDINGI
QSLYGPPPDSPET
;
_entity_poly.pdbx_strand_id   A,B
#
loop_
_chem_comp.id
_chem_comp.type
_chem_comp.name
_chem_comp.formula
BBH non-polymer '1-BENZYL-3-(4-METHOXY-BENZENESULFONYL)-6-OXO-HEXAHYDRO-PYRIMIDINE-4-CARBOXYLIC ACID HYDROXYAMIDE' 'C19 H21 N3 O6 S'
CA non-polymer 'CALCIUM ION' 'Ca 2'
ZN non-polymer 'ZINC ION' 'Zn 2'
#
# COMPACT_ATOMS: atom_id res chain seq x y z
N PHE A 1 -13.11 -7.92 30.12
CA PHE A 1 -12.90 -8.33 28.71
C PHE A 1 -14.18 -8.87 28.03
N ARG A 2 -14.19 -8.84 26.70
CA ARG A 2 -15.27 -9.44 25.92
C ARG A 2 -14.68 -10.33 24.86
N THR A 3 -15.28 -11.48 24.67
CA THR A 3 -14.84 -12.38 23.61
C THR A 3 -15.96 -12.49 22.56
N PHE A 4 -15.57 -12.45 21.28
CA PHE A 4 -16.46 -12.46 20.09
C PHE A 4 -17.53 -13.59 20.09
N PRO A 5 -18.57 -13.49 19.26
CA PRO A 5 -19.64 -14.53 19.23
C PRO A 5 -19.23 -15.90 18.70
N GLY A 6 -19.62 -16.95 19.42
CA GLY A 6 -19.30 -18.30 19.03
C GLY A 6 -17.81 -18.55 19.14
N ILE A 7 -17.13 -17.63 19.82
CA ILE A 7 -15.69 -17.69 20.10
C ILE A 7 -14.82 -18.10 18.90
N PRO A 8 -14.74 -17.26 17.88
CA PRO A 8 -13.82 -17.53 16.77
C PRO A 8 -12.47 -17.51 17.42
N LYS A 9 -11.73 -18.59 17.30
CA LYS A 9 -10.48 -18.68 18.00
C LYS A 9 -9.59 -19.32 17.00
N TRP A 10 -8.35 -18.96 17.04
CA TRP A 10 -7.48 -19.70 16.20
C TRP A 10 -7.41 -21.10 16.85
N ARG A 11 -7.46 -22.13 16.00
CA ARG A 11 -7.38 -23.53 16.39
C ARG A 11 -5.91 -23.98 16.59
N LYS A 12 -4.99 -23.10 16.27
CA LYS A 12 -3.58 -23.47 16.38
C LYS A 12 -2.85 -22.43 17.21
N THR A 13 -1.63 -22.75 17.64
CA THR A 13 -0.82 -21.86 18.43
C THR A 13 0.20 -21.04 17.64
N HIS A 14 0.64 -21.57 16.50
CA HIS A 14 1.57 -20.78 15.70
C HIS A 14 0.87 -20.04 14.55
N LEU A 15 1.00 -18.72 14.53
CA LEU A 15 0.36 -17.89 13.53
C LEU A 15 1.40 -17.17 12.67
N THR A 16 1.08 -16.96 11.40
CA THR A 16 2.00 -16.21 10.58
C THR A 16 1.48 -14.81 10.29
N TYR A 17 2.40 -13.87 10.09
CA TYR A 17 1.99 -12.55 9.73
C TYR A 17 2.82 -12.09 8.56
N ARG A 18 2.31 -11.08 7.84
CA ARG A 18 2.94 -10.55 6.64
C ARG A 18 2.61 -9.08 6.52
N ILE A 19 3.65 -8.26 6.35
CA ILE A 19 3.45 -6.84 6.19
C ILE A 19 3.46 -6.61 4.70
N VAL A 20 2.26 -6.36 4.14
CA VAL A 20 1.99 -6.25 2.70
C VAL A 20 2.46 -4.97 2.04
N ASN A 21 2.39 -3.85 2.75
CA ASN A 21 2.89 -2.61 2.21
C ASN A 21 3.36 -1.69 3.30
N TYR A 22 3.90 -0.53 2.93
CA TYR A 22 4.47 0.38 3.89
C TYR A 22 3.95 1.83 3.74
N THR A 23 3.76 2.51 4.86
CA THR A 23 3.30 3.87 4.84
C THR A 23 4.41 4.86 4.52
N PRO A 24 4.10 5.93 3.82
CA PRO A 24 5.09 6.96 3.57
C PRO A 24 5.48 7.69 4.85
N ASP A 25 4.62 7.62 5.88
CA ASP A 25 4.85 8.32 7.16
C ASP A 25 6.12 7.97 7.94
N LEU A 26 6.67 6.76 7.75
CA LEU A 26 7.71 6.24 8.65
C LEU A 26 8.75 5.40 7.92
N PRO A 27 9.94 5.34 8.44
CA PRO A 27 10.91 4.45 7.85
C PRO A 27 10.35 3.02 7.97
N LYS A 28 10.64 2.17 6.98
CA LYS A 28 10.17 0.81 6.98
C LYS A 28 10.56 0.06 8.26
N ASP A 29 11.78 0.28 8.76
CA ASP A 29 12.19 -0.39 10.00
C ASP A 29 11.31 -0.03 11.22
N ALA A 30 10.71 1.15 11.21
CA ALA A 30 9.86 1.57 12.31
C ALA A 30 8.54 0.85 12.25
N VAL A 31 8.05 0.56 11.05
CA VAL A 31 6.81 -0.18 10.86
C VAL A 31 7.02 -1.59 11.33
N ASP A 32 8.12 -2.19 10.89
CA ASP A 32 8.43 -3.58 11.29
C ASP A 32 8.55 -3.68 12.80
N SER A 33 9.29 -2.75 13.42
CA SER A 33 9.48 -2.77 14.87
C SER A 33 8.17 -2.63 15.64
N ALA A 34 7.33 -1.70 15.21
CA ALA A 34 6.07 -1.52 15.86
C ALA A 34 5.20 -2.78 15.74
N VAL A 35 5.19 -3.43 14.57
CA VAL A 35 4.44 -4.66 14.43
C VAL A 35 5.00 -5.77 15.32
N GLU A 36 6.32 -5.95 15.29
CA GLU A 36 6.96 -6.99 16.09
C GLU A 36 6.64 -6.77 17.55
N LYS A 37 6.68 -5.52 17.98
CA LYS A 37 6.42 -5.23 19.38
C LYS A 37 4.97 -5.47 19.75
N ALA A 38 4.07 -5.12 18.86
CA ALA A 38 2.68 -5.38 19.10
C ALA A 38 2.39 -6.89 19.26
N LEU A 39 3.04 -7.71 18.45
CA LEU A 39 2.85 -9.16 18.53
C LEU A 39 3.40 -9.70 19.84
N LYS A 40 4.55 -9.17 20.25
CA LYS A 40 5.20 -9.59 21.50
C LYS A 40 4.31 -9.36 22.71
N VAL A 41 3.56 -8.27 22.70
CA VAL A 41 2.63 -7.96 23.81
C VAL A 41 1.74 -9.15 24.12
N TRP A 42 1.21 -9.77 23.07
CA TRP A 42 0.31 -10.93 23.23
C TRP A 42 1.02 -12.28 23.41
N GLU A 43 2.16 -12.43 22.76
CA GLU A 43 2.96 -13.64 22.84
C GLU A 43 3.41 -13.87 24.27
N GLU A 44 3.81 -12.77 24.95
CA GLU A 44 4.34 -12.86 26.31
C GLU A 44 3.37 -13.46 27.35
N VAL A 45 2.07 -13.37 27.05
CA VAL A 45 1.09 -13.80 28.04
C VAL A 45 0.20 -14.97 27.61
N THR A 46 0.64 -15.71 26.58
CA THR A 46 -0.10 -16.86 26.02
C THR A 46 0.90 -17.84 25.44
N PRO A 47 0.44 -19.00 24.99
CA PRO A 47 1.33 -19.94 24.30
C PRO A 47 1.48 -19.62 22.79
N LEU A 48 0.87 -18.53 22.33
CA LEU A 48 0.93 -18.17 20.92
C LEU A 48 2.33 -17.81 20.43
N THR A 49 2.67 -18.30 19.24
CA THR A 49 3.94 -17.89 18.63
C THR A 49 3.69 -17.36 17.24
N PHE A 50 4.63 -16.56 16.75
CA PHE A 50 4.45 -15.92 15.47
C PHE A 50 5.69 -15.99 14.62
N SER A 51 5.50 -16.04 13.31
CA SER A 51 6.62 -15.99 12.38
C SER A 51 6.16 -15.20 11.14
N ARG A 52 7.13 -14.63 10.45
CA ARG A 52 6.88 -13.74 9.33
C ARG A 52 7.03 -14.35 7.92
N LEU A 53 6.17 -13.93 7.01
CA LEU A 53 6.18 -14.41 5.64
C LEU A 53 6.33 -13.22 4.77
N TYR A 54 6.90 -13.39 3.58
CA TYR A 54 7.11 -12.31 2.63
C TYR A 54 6.40 -12.61 1.30
N GLU A 55 5.67 -13.72 1.26
CA GLU A 55 4.92 -14.10 0.08
C GLU A 55 3.87 -15.08 0.56
N GLY A 56 2.86 -15.32 -0.26
CA GLY A 56 1.76 -16.17 0.16
C GLY A 56 0.85 -15.45 1.15
N GLU A 57 -0.14 -16.19 1.62
CA GLU A 57 -1.15 -15.70 2.54
C GLU A 57 -0.78 -16.09 3.99
N ALA A 58 -0.41 -15.10 4.77
CA ALA A 58 -0.10 -15.35 6.15
C ALA A 58 -1.43 -15.29 6.89
N ASP A 59 -1.50 -15.82 8.10
CA ASP A 59 -2.76 -15.75 8.85
C ASP A 59 -3.20 -14.30 8.99
N ILE A 60 -2.26 -13.46 9.41
CA ILE A 60 -2.50 -12.06 9.69
C ILE A 60 -1.84 -11.18 8.62
N MET A 61 -2.62 -10.78 7.63
CA MET A 61 -2.10 -9.94 6.58
C MET A 61 -2.29 -8.48 7.04
N ILE A 62 -1.20 -7.73 7.05
CA ILE A 62 -1.18 -6.37 7.54
C ILE A 62 -0.90 -5.38 6.42
N SER A 63 -1.76 -4.35 6.32
CA SER A 63 -1.58 -3.36 5.27
C SER A 63 -2.06 -1.98 5.65
N PHE A 64 -1.58 -0.98 4.90
CA PHE A 64 -2.04 0.38 5.04
C PHE A 64 -2.98 0.64 3.88
N ALA A 65 -4.02 1.43 4.13
CA ALA A 65 -5.03 1.69 3.11
C ALA A 65 -5.74 3.02 3.33
N VAL A 66 -6.46 3.48 2.32
CA VAL A 66 -7.22 4.70 2.44
C VAL A 66 -8.57 4.51 1.75
N ARG A 67 -9.63 5.08 2.30
CA ARG A 67 -10.96 5.02 1.67
C ARG A 67 -11.26 3.60 1.27
N GLU A 68 -11.79 3.41 0.05
CA GLU A 68 -12.10 2.06 -0.45
C GLU A 68 -10.82 1.31 -0.70
N HIS A 69 -10.69 0.12 -0.13
CA HIS A 69 -9.44 -0.62 -0.29
C HIS A 69 -9.61 -2.11 -0.50
N GLY A 70 -10.74 -2.54 -1.06
CA GLY A 70 -10.87 -3.97 -1.34
C GLY A 70 -11.68 -4.80 -0.35
N ASP A 71 -12.39 -4.13 0.56
CA ASP A 71 -13.32 -4.81 1.45
C ASP A 71 -14.53 -3.91 1.57
N PHE A 72 -15.55 -4.32 2.32
CA PHE A 72 -16.80 -3.58 2.41
C PHE A 72 -16.74 -2.46 3.45
N TYR A 73 -15.56 -2.18 3.99
CA TYR A 73 -15.50 -1.19 5.06
C TYR A 73 -14.47 -0.11 4.75
N PRO A 74 -14.82 0.79 3.86
CA PRO A 74 -13.87 1.83 3.48
C PRO A 74 -13.46 2.66 4.67
N PHE A 75 -12.22 3.13 4.65
CA PHE A 75 -11.76 4.02 5.72
C PHE A 75 -12.37 5.42 5.52
N ASP A 76 -12.28 6.28 6.54
CA ASP A 76 -13.02 7.56 6.58
C ASP A 76 -12.21 8.87 6.60
N GLY A 77 -11.00 8.85 6.06
CA GLY A 77 -10.21 10.07 6.03
C GLY A 77 -9.52 10.28 7.36
N PRO A 78 -8.96 11.47 7.56
CA PRO A 78 -8.24 11.81 8.81
C PRO A 78 -9.08 11.69 10.05
N GLY A 79 -8.47 11.08 11.08
CA GLY A 79 -9.07 10.84 12.38
C GLY A 79 -10.17 9.82 12.40
N ASN A 80 -10.86 9.74 13.53
CA ASN A 80 -11.96 8.82 13.73
C ASN A 80 -11.51 7.36 13.64
N VAL A 81 -11.94 6.61 12.64
CA VAL A 81 -11.48 5.21 12.55
C VAL A 81 -10.02 5.29 12.15
N LEU A 82 -9.16 4.66 12.95
CA LEU A 82 -7.71 4.66 12.72
C LEU A 82 -7.23 3.38 12.00
N ALA A 83 -7.94 2.27 12.21
CA ALA A 83 -7.56 0.96 11.68
C ALA A 83 -8.70 0.00 11.99
N HIS A 84 -8.67 -1.17 11.37
CA HIS A 84 -9.67 -2.18 11.71
C HIS A 84 -9.10 -3.56 11.45
N ALA A 85 -9.64 -4.56 12.13
CA ALA A 85 -9.11 -5.91 12.02
C ALA A 85 -10.24 -6.94 12.18
N TYR A 86 -10.08 -8.06 11.52
CA TYR A 86 -11.09 -9.11 11.49
C TYR A 86 -10.74 -10.19 12.50
N ALA A 87 -11.76 -10.78 13.11
CA ALA A 87 -11.65 -11.87 14.08
C ALA A 87 -11.01 -13.12 13.41
N PRO A 88 -10.54 -14.06 14.22
CA PRO A 88 -9.89 -15.26 13.71
C PRO A 88 -10.65 -16.02 12.63
N GLY A 89 -9.91 -16.61 11.72
CA GLY A 89 -10.53 -17.42 10.67
C GLY A 89 -9.70 -17.35 9.41
N PRO A 90 -10.16 -17.99 8.34
CA PRO A 90 -9.44 -18.02 7.06
C PRO A 90 -9.68 -16.77 6.21
N GLY A 91 -8.83 -16.60 5.19
CA GLY A 91 -8.90 -15.48 4.28
C GLY A 91 -8.75 -14.11 4.92
N ILE A 92 -9.74 -13.25 4.72
CA ILE A 92 -9.67 -11.92 5.25
C ILE A 92 -9.70 -11.94 6.78
N ASN A 93 -10.25 -13.00 7.37
CA ASN A 93 -10.28 -13.10 8.82
C ASN A 93 -8.86 -13.05 9.39
N GLY A 94 -8.73 -12.46 10.56
CA GLY A 94 -7.42 -12.20 11.14
C GLY A 94 -6.64 -11.01 10.56
N ASP A 95 -7.04 -10.50 9.42
CA ASP A 95 -6.27 -9.42 8.80
C ASP A 95 -6.44 -8.07 9.49
N ALA A 96 -5.44 -7.23 9.35
CA ALA A 96 -5.43 -5.91 9.96
C ALA A 96 -5.12 -4.81 8.93
N HIS A 97 -5.98 -3.80 8.86
CA HIS A 97 -5.81 -2.67 7.96
C HIS A 97 -5.65 -1.36 8.75
N PHE A 98 -4.73 -0.52 8.31
CA PHE A 98 -4.42 0.73 8.97
C PHE A 98 -4.70 1.91 8.04
N ASP A 99 -5.44 2.89 8.53
CA ASP A 99 -5.83 4.05 7.72
C ASP A 99 -4.64 5.00 7.50
N ASP A 100 -4.17 5.11 6.26
CA ASP A 100 -3.03 5.96 5.97
C ASP A 100 -3.43 7.45 5.94
N ASP A 101 -4.69 7.77 6.15
CA ASP A 101 -5.01 9.18 6.27
C ASP A 101 -4.66 9.62 7.68
N GLU A 102 -4.16 8.69 8.51
CA GLU A 102 -3.61 9.10 9.81
C GLU A 102 -2.11 9.28 9.57
N GLN A 103 -1.48 10.06 10.44
CA GLN A 103 -0.04 10.24 10.41
C GLN A 103 0.57 9.29 11.47
N TRP A 104 1.04 8.13 11.00
CA TRP A 104 1.62 7.12 11.88
C TRP A 104 2.97 7.54 12.45
N THR A 105 3.09 7.51 13.78
CA THR A 105 4.35 7.87 14.42
C THR A 105 4.94 6.85 15.39
N LYS A 106 6.23 6.97 15.66
CA LYS A 106 6.85 6.08 16.61
C LYS A 106 6.66 6.58 18.04
N ASP A 107 6.23 7.83 18.19
CA ASP A 107 5.94 8.45 19.48
C ASP A 107 4.48 8.90 19.52
N THR A 108 4.13 9.87 20.36
CA THR A 108 2.75 10.33 20.48
C THR A 108 2.44 11.64 19.73
N THR A 109 3.27 12.03 18.77
CA THR A 109 3.04 13.28 18.01
C THR A 109 1.97 13.14 16.92
N GLY A 110 1.70 11.89 16.49
CA GLY A 110 0.57 11.61 15.62
C GLY A 110 -0.18 10.43 16.21
N THR A 111 -0.57 9.49 15.36
CA THR A 111 -1.21 8.28 15.83
C THR A 111 -0.11 7.23 16.03
N ASN A 112 0.05 6.72 17.25
CA ASN A 112 1.13 5.77 17.54
C ASN A 112 0.84 4.40 16.95
N LEU A 113 1.68 4.00 16.00
CA LEU A 113 1.55 2.75 15.28
C LEU A 113 1.58 1.53 16.19
N PHE A 114 2.50 1.51 17.15
CA PHE A 114 2.65 0.36 18.07
C PHE A 114 1.35 0.16 18.85
N LEU A 115 0.79 1.23 19.40
CA LEU A 115 -0.37 1.11 20.27
C LEU A 115 -1.59 0.65 19.49
N VAL A 116 -1.78 1.21 18.30
CA VAL A 116 -2.93 0.84 17.49
C VAL A 116 -2.77 -0.60 16.99
N ALA A 117 -1.55 -0.95 16.60
CA ALA A 117 -1.28 -2.30 16.13
C ALA A 117 -1.57 -3.31 17.22
N ALA A 118 -1.12 -2.99 18.44
CA ALA A 118 -1.31 -3.89 19.58
C ALA A 118 -2.79 -4.13 19.80
N HIS A 119 -3.56 -3.05 19.74
CA HIS A 119 -5.00 -3.13 19.89
C HIS A 119 -5.63 -3.97 18.76
N GLU A 120 -5.29 -3.65 17.51
CA GLU A 120 -5.89 -4.37 16.39
C GLU A 120 -5.54 -5.85 16.41
N ILE A 121 -4.33 -6.18 16.83
CA ILE A 121 -3.96 -7.57 16.89
C ILE A 121 -4.79 -8.27 17.93
N GLY A 122 -5.17 -7.56 18.98
CA GLY A 122 -6.09 -8.11 19.96
C GLY A 122 -7.37 -8.57 19.23
N HIS A 123 -7.84 -7.76 18.27
CA HIS A 123 -9.02 -8.16 17.53
C HIS A 123 -8.71 -9.39 16.66
N SER A 124 -7.58 -9.38 15.99
CA SER A 124 -7.17 -10.49 15.14
C SER A 124 -7.08 -11.79 15.95
N LEU A 125 -6.90 -11.68 17.26
CA LEU A 125 -6.82 -12.89 18.07
C LEU A 125 -8.14 -13.28 18.71
N GLY A 126 -9.19 -12.48 18.50
CA GLY A 126 -10.49 -12.82 19.05
C GLY A 126 -11.01 -11.98 20.20
N LEU A 127 -10.32 -10.92 20.61
CA LEU A 127 -10.84 -10.08 21.66
C LEU A 127 -11.70 -8.95 21.07
N PHE A 128 -12.68 -8.51 21.83
CA PHE A 128 -13.61 -7.47 21.41
C PHE A 128 -13.38 -6.31 22.37
N HIS A 129 -14.21 -5.29 22.36
CA HIS A 129 -13.95 -4.15 23.25
C HIS A 129 -14.20 -4.36 24.74
N SER A 130 -13.25 -3.91 25.57
CA SER A 130 -13.39 -3.95 27.03
C SER A 130 -14.11 -2.72 27.59
N ALA A 131 -14.68 -2.86 28.77
CA ALA A 131 -15.34 -1.77 29.46
C ALA A 131 -14.36 -1.11 30.41
N ASN A 132 -13.24 -1.77 30.67
CA ASN A 132 -12.21 -1.21 31.54
C ASN A 132 -11.45 -0.11 30.83
N THR A 133 -11.55 1.12 31.32
CA THR A 133 -10.87 2.25 30.70
C THR A 133 -9.36 2.15 30.63
N GLU A 134 -8.76 1.28 31.41
CA GLU A 134 -7.31 1.18 31.38
C GLU A 134 -6.83 0.04 30.51
N ALA A 135 -7.76 -0.67 29.88
CA ALA A 135 -7.38 -1.84 29.07
C ALA A 135 -6.95 -1.46 27.67
N LEU A 136 -6.02 -2.22 27.09
CA LEU A 136 -5.63 -1.98 25.70
C LEU A 136 -6.85 -2.15 24.75
N MET A 137 -7.76 -3.07 25.09
CA MET A 137 -8.95 -3.29 24.27
C MET A 137 -10.10 -2.30 24.54
N TYR A 138 -9.86 -1.31 25.39
CA TYR A 138 -10.90 -0.28 25.55
C TYR A 138 -10.93 0.50 24.22
N PRO A 139 -12.08 0.92 23.72
CA PRO A 139 -12.09 1.62 22.43
C PRO A 139 -11.13 2.77 22.43
N LEU A 140 -10.90 3.30 23.62
CA LEU A 140 -10.34 4.62 23.72
C LEU A 140 -8.90 4.77 24.16
N TYR A 141 -8.01 4.02 23.52
CA TYR A 141 -6.60 4.09 23.83
C TYR A 141 -6.02 5.36 23.25
N HIS A 142 -5.61 6.26 24.14
CA HIS A 142 -5.04 7.54 23.71
C HIS A 142 -6.08 8.46 23.10
N ASP A 146 2.56 8.74 27.52
CA ASP A 146 3.57 7.98 28.26
C ASP A 146 3.66 6.54 27.79
N LEU A 147 4.27 6.36 26.63
CA LEU A 147 4.53 5.05 26.08
C LEU A 147 5.40 4.34 27.06
N THR A 148 6.22 5.10 27.79
CA THR A 148 7.12 4.56 28.80
C THR A 148 6.30 3.83 29.83
N ARG A 149 5.09 4.33 30.07
CA ARG A 149 4.23 3.70 31.06
C ARG A 149 3.19 2.75 30.50
N PHE A 150 3.43 2.22 29.29
CA PHE A 150 2.47 1.27 28.74
C PHE A 150 2.62 -0.09 29.39
N ARG A 151 1.50 -0.71 29.76
CA ARG A 151 1.48 -2.04 30.37
C ARG A 151 0.15 -2.73 30.05
N LEU A 152 0.19 -3.95 29.54
CA LEU A 152 -1.02 -4.67 29.26
C LEU A 152 -1.79 -4.78 30.57
N SER A 153 -3.08 -4.47 30.57
CA SER A 153 -3.89 -4.56 31.79
C SER A 153 -4.26 -5.99 32.16
N GLN A 154 -4.53 -6.24 33.43
CA GLN A 154 -4.92 -7.59 33.84
C GLN A 154 -6.19 -7.98 33.09
N ASP A 155 -7.00 -7.01 32.74
CA ASP A 155 -8.22 -7.34 32.01
C ASP A 155 -7.90 -7.94 30.60
N ASP A 156 -6.91 -7.36 29.92
CA ASP A 156 -6.53 -7.86 28.64
C ASP A 156 -5.92 -9.28 28.77
N ILE A 157 -5.13 -9.50 29.83
CA ILE A 157 -4.47 -10.78 30.06
C ILE A 157 -5.54 -11.79 30.34
N ASN A 158 -6.52 -11.43 31.18
CA ASN A 158 -7.63 -12.34 31.51
C ASN A 158 -8.35 -12.76 30.22
N GLY A 159 -8.70 -11.76 29.41
CA GLY A 159 -9.38 -12.03 28.15
C GLY A 159 -8.56 -12.93 27.20
N ILE A 160 -7.33 -12.57 26.93
CA ILE A 160 -6.59 -13.38 26.00
C ILE A 160 -6.31 -14.83 26.53
N GLN A 161 -6.17 -14.97 27.84
CA GLN A 161 -5.90 -16.28 28.42
C GLN A 161 -7.16 -17.11 28.46
N SER A 162 -8.32 -16.45 28.48
CA SER A 162 -9.57 -17.21 28.49
C SER A 162 -9.72 -17.93 27.18
N LEU A 163 -9.02 -17.42 26.18
CA LEU A 163 -9.07 -18.03 24.87
C LEU A 163 -7.93 -19.03 24.66
N TYR A 164 -6.72 -18.64 25.03
CA TYR A 164 -5.56 -19.43 24.69
C TYR A 164 -4.78 -20.00 25.83
N GLY A 165 -5.16 -19.65 27.06
CA GLY A 165 -4.42 -20.10 28.24
C GLY A 165 -3.16 -19.30 28.53
N PRO A 166 -2.53 -19.54 29.66
CA PRO A 166 -1.28 -18.86 30.07
C PRO A 166 -0.07 -19.45 29.35
N PRO A 167 1.09 -18.80 29.42
CA PRO A 167 2.32 -19.37 28.82
C PRO A 167 2.63 -20.77 29.36
N PRO A 168 3.18 -21.63 28.51
CA PRO A 168 3.49 -23.04 28.83
C PRO A 168 4.30 -23.32 30.11
N ASP A 169 5.47 -22.72 30.22
CA ASP A 169 6.34 -22.98 31.35
C ASP A 169 7.18 -21.74 31.64
N PHE B 1 1.55 4.21 -33.05
CA PHE B 1 1.11 4.56 -31.67
C PHE B 1 -0.39 4.72 -31.62
N ARG B 2 -0.98 4.54 -30.44
CA ARG B 2 -2.43 4.68 -30.28
C ARG B 2 -2.81 5.54 -29.05
N THR B 3 -3.96 6.22 -29.11
CA THR B 3 -4.45 7.00 -27.98
C THR B 3 -5.73 6.35 -27.45
N PHE B 4 -6.28 6.89 -26.36
CA PHE B 4 -7.56 6.41 -25.84
C PHE B 4 -8.74 6.99 -26.64
N PRO B 5 -9.87 6.28 -26.67
CA PRO B 5 -11.05 6.75 -27.40
C PRO B 5 -11.37 8.19 -27.04
N GLY B 6 -11.38 9.05 -28.04
CA GLY B 6 -11.66 10.47 -27.81
C GLY B 6 -10.46 11.30 -27.38
N ILE B 7 -9.26 10.74 -27.55
CA ILE B 7 -8.04 11.43 -27.18
C ILE B 7 -8.07 12.23 -25.88
N PRO B 8 -8.36 11.62 -24.74
CA PRO B 8 -8.31 12.39 -23.51
C PRO B 8 -6.87 12.79 -23.22
N LYS B 9 -6.67 14.00 -22.73
CA LYS B 9 -5.35 14.50 -22.39
C LYS B 9 -5.44 15.60 -21.35
N TRP B 10 -4.34 15.82 -20.64
CA TRP B 10 -4.35 16.86 -19.63
C TRP B 10 -4.38 18.24 -20.30
N ARG B 11 -5.05 19.19 -19.64
CA ARG B 11 -5.21 20.54 -20.13
C ARG B 11 -4.00 21.34 -19.76
N LYS B 12 -3.52 21.11 -18.54
CA LYS B 12 -2.38 21.84 -18.00
C LYS B 12 -1.06 21.22 -18.41
N THR B 13 0.04 21.95 -18.21
CA THR B 13 1.37 21.45 -18.57
C THR B 13 2.14 20.96 -17.35
N HIS B 14 1.78 21.45 -16.18
CA HIS B 14 2.44 21.01 -14.97
C HIS B 14 1.55 20.04 -14.22
N LEU B 15 2.05 18.84 -13.99
CA LEU B 15 1.25 17.85 -13.27
C LEU B 15 1.84 17.46 -11.91
N THR B 16 0.99 17.09 -10.97
CA THR B 16 1.50 16.59 -9.68
C THR B 16 1.36 15.10 -9.60
N TYR B 17 2.23 14.50 -8.79
CA TYR B 17 2.15 13.07 -8.52
C TYR B 17 2.41 12.84 -7.04
N ARG B 18 1.99 11.71 -6.51
CA ARG B 18 2.21 11.43 -5.11
C ARG B 18 2.33 9.92 -5.01
N ILE B 19 3.36 9.46 -4.29
CA ILE B 19 3.55 8.05 -4.09
C ILE B 19 2.82 7.73 -2.80
N VAL B 20 1.70 7.01 -2.92
CA VAL B 20 0.77 6.75 -1.80
C VAL B 20 1.22 5.70 -0.82
N ASN B 21 1.92 4.67 -1.29
CA ASN B 21 2.44 3.61 -0.40
C ASN B 21 3.73 3.02 -0.98
N TYR B 22 4.32 2.06 -0.29
CA TYR B 22 5.63 1.56 -0.68
C TYR B 22 5.65 0.07 -0.61
N THR B 23 6.36 -0.53 -1.55
CA THR B 23 6.47 -1.98 -1.67
C THR B 23 7.50 -2.55 -0.72
N PRO B 24 7.29 -3.76 -0.21
CA PRO B 24 8.29 -4.43 0.63
C PRO B 24 9.52 -4.76 -0.15
N ASP B 25 9.39 -4.82 -1.48
CA ASP B 25 10.49 -5.27 -2.35
C ASP B 25 11.76 -4.41 -2.41
N LEU B 26 11.64 -3.10 -2.20
CA LEU B 26 12.77 -2.18 -2.36
C LEU B 26 12.80 -1.13 -1.28
N PRO B 27 13.96 -0.53 -1.03
CA PRO B 27 13.99 0.59 -0.09
C PRO B 27 13.16 1.74 -0.68
N LYS B 28 12.55 2.56 0.18
CA LYS B 28 11.74 3.66 -0.29
C LYS B 28 12.43 4.54 -1.31
N ASP B 29 13.70 4.86 -1.05
CA ASP B 29 14.45 5.74 -1.91
C ASP B 29 14.60 5.22 -3.33
N ALA B 30 14.67 3.90 -3.48
CA ALA B 30 14.76 3.29 -4.78
C ALA B 30 13.43 3.46 -5.51
N VAL B 31 12.32 3.36 -4.77
CA VAL B 31 11.03 3.55 -5.42
C VAL B 31 10.92 4.94 -5.96
N ASP B 32 11.21 5.92 -5.11
CA ASP B 32 11.19 7.33 -5.49
C ASP B 32 12.08 7.63 -6.72
N SER B 33 13.27 7.07 -6.74
CA SER B 33 14.19 7.31 -7.84
C SER B 33 13.65 6.72 -9.13
N ALA B 34 13.10 5.51 -9.03
CA ALA B 34 12.55 4.90 -10.25
C ALA B 34 11.40 5.73 -10.81
N VAL B 35 10.53 6.23 -9.93
CA VAL B 35 9.41 7.06 -10.36
C VAL B 35 9.94 8.36 -10.97
N GLU B 36 10.86 9.03 -10.30
CA GLU B 36 11.45 10.24 -10.86
C GLU B 36 12.01 10.05 -12.25
N LYS B 37 12.74 8.97 -12.44
CA LYS B 37 13.31 8.72 -13.74
C LYS B 37 12.26 8.40 -14.80
N ALA B 38 11.21 7.68 -14.41
CA ALA B 38 10.16 7.34 -15.37
C ALA B 38 9.48 8.63 -15.87
N LEU B 39 9.26 9.59 -14.96
CA LEU B 39 8.63 10.87 -15.29
C LEU B 39 9.53 11.64 -16.22
N LYS B 40 10.82 11.61 -15.94
CA LYS B 40 11.79 12.35 -16.72
C LYS B 40 11.80 11.92 -18.21
N VAL B 41 11.63 10.62 -18.48
CA VAL B 41 11.49 10.11 -19.82
C VAL B 41 10.50 10.94 -20.62
N TRP B 42 9.33 11.21 -20.04
CA TRP B 42 8.32 11.98 -20.73
C TRP B 42 8.57 13.49 -20.68
N GLU B 43 9.14 13.99 -19.60
CA GLU B 43 9.45 15.43 -19.56
C GLU B 43 10.41 15.84 -20.66
N GLU B 44 11.37 14.96 -20.96
CA GLU B 44 12.41 15.27 -21.94
C GLU B 44 11.89 15.52 -23.36
N VAL B 45 10.70 15.02 -23.67
CA VAL B 45 10.17 15.16 -25.01
C VAL B 45 8.84 15.90 -25.14
N THR B 46 8.46 16.67 -24.14
CA THR B 46 7.21 17.46 -24.15
C THR B 46 7.43 18.67 -23.31
N PRO B 47 6.43 19.55 -23.22
CA PRO B 47 6.50 20.72 -22.33
C PRO B 47 6.02 20.36 -20.93
N LEU B 48 5.75 19.10 -20.67
CA LEU B 48 5.22 18.71 -19.37
C LEU B 48 6.25 18.70 -18.25
N THR B 49 5.88 19.21 -17.07
CA THR B 49 6.74 19.06 -15.91
C THR B 49 5.95 18.47 -14.77
N PHE B 50 6.65 17.91 -13.80
CA PHE B 50 6.02 17.23 -12.66
C PHE B 50 6.54 17.71 -11.29
N SER B 51 5.64 17.76 -10.31
CA SER B 51 6.00 18.06 -8.94
C SER B 51 5.36 17.03 -8.07
N ARG B 52 6.04 16.71 -6.98
CA ARG B 52 5.60 15.71 -6.02
C ARG B 52 4.86 16.34 -4.88
N LEU B 53 3.81 15.66 -4.42
CA LEU B 53 2.99 16.09 -3.28
C LEU B 53 3.13 15.02 -2.24
N TYR B 54 3.01 15.40 -0.96
CA TYR B 54 3.17 14.47 0.13
C TYR B 54 1.87 14.27 0.88
N GLU B 55 0.87 15.07 0.52
CA GLU B 55 -0.43 14.89 1.12
C GLU B 55 -1.46 15.35 0.09
N GLY B 56 -2.73 15.01 0.30
CA GLY B 56 -3.80 15.45 -0.59
C GLY B 56 -3.78 14.69 -1.91
N GLU B 57 -4.59 15.16 -2.88
CA GLU B 57 -4.76 14.47 -4.14
C GLU B 57 -3.87 15.05 -5.23
N ALA B 58 -3.00 14.23 -5.79
CA ALA B 58 -2.17 14.68 -6.91
C ALA B 58 -2.86 14.16 -8.18
N ASP B 59 -2.55 14.72 -9.34
CA ASP B 59 -3.16 14.25 -10.56
C ASP B 59 -2.92 12.76 -10.72
N ILE B 60 -1.63 12.38 -10.60
CA ILE B 60 -1.17 11.03 -10.76
C ILE B 60 -0.85 10.43 -9.39
N MET B 61 -1.80 9.64 -8.86
CA MET B 61 -1.65 8.91 -7.61
C MET B 61 -1.07 7.56 -7.95
N ILE B 62 0.06 7.26 -7.34
CA ILE B 62 0.82 6.05 -7.59
C ILE B 62 0.80 5.16 -6.38
N SER B 63 0.43 3.89 -6.56
CA SER B 63 0.42 2.94 -5.46
C SER B 63 0.72 1.51 -5.85
N PHE B 64 1.05 0.71 -4.84
CA PHE B 64 1.29 -0.70 -5.03
C PHE B 64 0.02 -1.35 -4.51
N ALA B 65 -0.43 -2.42 -5.14
CA ALA B 65 -1.65 -3.12 -4.71
C ALA B 65 -1.54 -4.60 -5.04
N VAL B 66 -2.39 -5.38 -4.37
CA VAL B 66 -2.51 -6.83 -4.56
C VAL B 66 -3.98 -7.21 -4.71
N ARG B 67 -4.29 -8.05 -5.70
CA ARG B 67 -5.66 -8.53 -5.87
C ARG B 67 -6.66 -7.36 -5.83
N GLU B 68 -7.70 -7.47 -5.00
CA GLU B 68 -8.71 -6.45 -4.90
C GLU B 68 -8.15 -5.27 -4.13
N HIS B 69 -8.20 -4.09 -4.74
CA HIS B 69 -7.67 -2.95 -4.08
C HIS B 69 -8.51 -1.69 -4.18
N GLY B 70 -9.81 -1.81 -4.35
CA GLY B 70 -10.65 -0.61 -4.31
C GLY B 70 -11.02 0.05 -5.62
N ASP B 71 -10.73 -0.60 -6.75
CA ASP B 71 -11.13 -0.05 -8.02
C ASP B 71 -11.77 -1.16 -8.81
N PHE B 72 -12.10 -0.93 -10.08
CA PHE B 72 -12.82 -1.97 -10.84
C PHE B 72 -12.03 -3.16 -11.27
N TYR B 73 -10.71 -3.09 -11.21
CA TYR B 73 -9.91 -4.16 -11.80
C TYR B 73 -8.90 -4.77 -10.84
N PRO B 74 -9.24 -5.89 -10.22
CA PRO B 74 -8.32 -6.54 -9.27
C PRO B 74 -7.06 -7.02 -9.99
N PHE B 75 -5.95 -7.05 -9.29
CA PHE B 75 -4.74 -7.58 -9.89
C PHE B 75 -4.87 -9.07 -9.81
N ASP B 76 -4.02 -9.77 -10.57
CA ASP B 76 -4.17 -11.21 -10.80
C ASP B 76 -3.13 -12.14 -10.18
N GLY B 77 -2.39 -11.70 -9.17
CA GLY B 77 -1.36 -12.55 -8.60
C GLY B 77 -0.05 -12.45 -9.35
N PRO B 78 0.95 -13.27 -8.98
CA PRO B 78 2.26 -13.25 -9.63
C PRO B 78 2.17 -13.50 -11.12
N GLY B 79 2.94 -12.72 -11.88
CA GLY B 79 2.94 -12.83 -13.33
C GLY B 79 1.73 -12.17 -14.00
N ASN B 80 1.59 -12.44 -15.30
CA ASN B 80 0.54 -11.87 -16.13
C ASN B 80 0.49 -10.34 -16.01
N VAL B 81 -0.63 -9.77 -15.57
CA VAL B 81 -0.68 -8.32 -15.46
C VAL B 81 0.33 -7.81 -14.41
N LEU B 82 1.14 -6.82 -14.78
CA LEU B 82 2.16 -6.28 -13.88
C LEU B 82 1.75 -4.95 -13.26
N ALA B 83 0.89 -4.23 -13.96
CA ALA B 83 0.44 -2.93 -13.51
C ALA B 83 -0.66 -2.42 -14.42
N HIS B 84 -1.33 -1.38 -13.97
CA HIS B 84 -2.33 -0.75 -14.82
C HIS B 84 -2.46 0.71 -14.45
N ALA B 85 -2.95 1.52 -15.38
CA ALA B 85 -3.07 2.94 -15.20
C ALA B 85 -4.26 3.47 -16.01
N TYR B 86 -4.70 4.67 -15.65
CA TYR B 86 -5.87 5.28 -16.21
C TYR B 86 -5.55 6.51 -17.06
N ALA B 87 -6.29 6.68 -18.15
CA ALA B 87 -6.13 7.84 -19.05
C ALA B 87 -6.37 9.18 -18.31
N PRO B 88 -5.89 10.28 -18.87
CA PRO B 88 -6.03 11.57 -18.20
C PRO B 88 -7.45 11.96 -17.85
N GLY B 89 -7.62 12.69 -16.75
CA GLY B 89 -8.94 13.05 -16.26
C GLY B 89 -8.90 13.14 -14.76
N PRO B 90 -10.00 13.52 -14.12
CA PRO B 90 -10.05 13.71 -12.66
C PRO B 90 -10.16 12.41 -11.88
N GLY B 91 -9.86 12.45 -10.58
CA GLY B 91 -10.05 11.32 -9.68
C GLY B 91 -9.17 10.13 -10.00
N ILE B 92 -9.79 8.97 -10.16
CA ILE B 92 -9.04 7.78 -10.44
C ILE B 92 -8.26 7.95 -11.72
N ASN B 93 -8.76 8.80 -12.63
CA ASN B 93 -8.05 9.00 -13.88
C ASN B 93 -6.62 9.56 -13.70
N GLY B 94 -5.72 9.17 -14.61
CA GLY B 94 -4.29 9.44 -14.46
C GLY B 94 -3.55 8.60 -13.41
N ASP B 95 -4.26 7.88 -12.55
CA ASP B 95 -3.59 7.11 -11.52
C ASP B 95 -2.88 5.88 -12.09
N ALA B 96 -1.85 5.41 -11.39
CA ALA B 96 -1.10 4.22 -11.78
C ALA B 96 -0.89 3.24 -10.62
N HIS B 97 -1.24 1.98 -10.81
CA HIS B 97 -1.19 0.95 -9.77
C HIS B 97 -0.24 -0.14 -10.19
N PHE B 98 0.61 -0.59 -9.26
CA PHE B 98 1.59 -1.64 -9.52
C PHE B 98 1.28 -2.89 -8.72
N ASP B 99 1.23 -4.03 -9.39
CA ASP B 99 0.93 -5.31 -8.76
C ASP B 99 2.06 -5.75 -7.86
N ASP B 100 1.82 -5.71 -6.55
CA ASP B 100 2.88 -6.13 -5.64
C ASP B 100 3.13 -7.64 -5.58
N ASP B 101 2.34 -8.42 -6.31
CA ASP B 101 2.62 -9.84 -6.39
C ASP B 101 3.78 -10.04 -7.38
N GLU B 102 4.33 -8.94 -7.90
CA GLU B 102 5.52 -9.00 -8.71
C GLU B 102 6.70 -8.62 -7.79
N GLN B 103 7.92 -8.99 -8.19
CA GLN B 103 9.09 -8.62 -7.42
C GLN B 103 9.70 -7.44 -8.11
N TRP B 104 9.47 -6.23 -7.57
CA TRP B 104 9.95 -4.99 -8.19
C TRP B 104 11.44 -4.82 -7.93
N THR B 105 12.22 -4.57 -8.99
CA THR B 105 13.65 -4.36 -8.86
C THR B 105 14.21 -3.15 -9.58
N LYS B 106 15.42 -2.79 -9.19
CA LYS B 106 16.21 -1.69 -9.74
C LYS B 106 16.91 -2.17 -11.03
N ASP B 107 17.09 -3.47 -11.19
CA ASP B 107 17.69 -4.00 -12.42
C ASP B 107 16.79 -5.04 -13.09
N THR B 108 17.36 -6.01 -13.78
CA THR B 108 16.53 -7.02 -14.42
C THR B 108 16.37 -8.31 -13.65
N THR B 109 16.75 -8.30 -12.37
CA THR B 109 16.63 -9.51 -11.55
C THR B 109 15.20 -9.87 -11.25
N GLY B 110 14.30 -8.91 -11.41
CA GLY B 110 12.87 -9.13 -11.26
C GLY B 110 12.11 -8.29 -12.29
N THR B 111 10.99 -7.69 -11.90
CA THR B 111 10.30 -6.82 -12.82
C THR B 111 10.85 -5.41 -12.59
N ASN B 112 11.41 -4.79 -13.62
CA ASN B 112 12.02 -3.48 -13.46
C ASN B 112 11.00 -2.39 -13.22
N LEU B 113 11.07 -1.79 -12.05
CA LEU B 113 10.10 -0.77 -11.69
C LEU B 113 10.11 0.45 -12.59
N PHE B 114 11.32 0.95 -12.91
CA PHE B 114 11.49 2.08 -13.80
C PHE B 114 10.81 1.88 -15.16
N LEU B 115 11.09 0.77 -15.83
CA LEU B 115 10.52 0.49 -17.16
C LEU B 115 9.01 0.38 -17.10
N VAL B 116 8.50 -0.37 -16.13
CA VAL B 116 7.07 -0.48 -16.02
C VAL B 116 6.44 0.88 -15.66
N ALA B 117 7.06 1.62 -14.75
CA ALA B 117 6.51 2.90 -14.40
C ALA B 117 6.48 3.84 -15.64
N ALA B 118 7.56 3.84 -16.41
CA ALA B 118 7.59 4.64 -17.59
C ALA B 118 6.46 4.30 -18.55
N HIS B 119 6.22 2.99 -18.76
CA HIS B 119 5.14 2.56 -19.63
C HIS B 119 3.85 2.99 -18.95
N GLU B 120 3.82 2.73 -17.66
CA GLU B 120 2.67 3.07 -16.88
C GLU B 120 2.30 4.57 -17.02
N ILE B 121 3.29 5.45 -16.93
CA ILE B 121 2.98 6.88 -17.01
C ILE B 121 2.52 7.36 -18.42
N GLY B 122 2.98 6.66 -19.45
CA GLY B 122 2.49 6.86 -20.81
C GLY B 122 0.96 6.77 -20.83
N HIS B 123 0.39 5.73 -20.22
CA HIS B 123 -1.06 5.64 -20.11
C HIS B 123 -1.64 6.86 -19.35
N SER B 124 -1.01 7.24 -18.21
CA SER B 124 -1.51 8.35 -17.40
C SER B 124 -1.50 9.66 -18.18
N LEU B 125 -0.68 9.70 -19.23
CA LEU B 125 -0.56 10.90 -20.03
C LEU B 125 -1.41 10.87 -21.31
N GLY B 126 -1.99 9.73 -21.65
CA GLY B 126 -2.88 9.65 -22.81
C GLY B 126 -2.50 8.70 -23.92
N LEU B 127 -1.45 7.93 -23.72
CA LEU B 127 -1.08 6.96 -24.75
C LEU B 127 -1.59 5.57 -24.40
N PHE B 128 -2.21 4.93 -25.37
CA PHE B 128 -2.66 3.55 -25.20
C PHE B 128 -1.56 2.66 -25.78
N HIS B 129 -1.84 1.39 -26.03
CA HIS B 129 -0.82 0.46 -26.53
C HIS B 129 -0.43 0.61 -28.00
N SER B 130 0.84 0.51 -28.31
CA SER B 130 1.35 0.62 -29.67
C SER B 130 1.63 -0.75 -30.28
N ALA B 131 1.72 -0.78 -31.61
CA ALA B 131 2.01 -2.00 -32.34
C ALA B 131 3.47 -2.19 -32.68
N ASN B 132 4.29 -1.15 -32.52
CA ASN B 132 5.74 -1.28 -32.80
C ASN B 132 6.45 -2.04 -31.67
N THR B 133 7.07 -3.18 -32.00
CA THR B 133 7.76 -4.00 -31.00
C THR B 133 8.78 -3.25 -30.15
N GLU B 134 9.44 -2.24 -30.72
CA GLU B 134 10.47 -1.51 -29.99
C GLU B 134 9.89 -0.30 -29.27
N ALA B 135 8.57 -0.15 -29.26
CA ALA B 135 8.03 0.99 -28.53
C ALA B 135 7.80 0.67 -27.04
N LEU B 136 8.09 1.65 -26.19
CA LEU B 136 7.85 1.53 -24.78
C LEU B 136 6.37 1.16 -24.56
N MET B 137 5.48 1.78 -25.33
CA MET B 137 4.06 1.48 -25.18
C MET B 137 3.60 0.14 -25.78
N TYR B 138 4.49 -0.66 -26.32
CA TYR B 138 4.07 -1.97 -26.82
C TYR B 138 3.62 -2.77 -25.62
N PRO B 139 2.55 -3.56 -25.76
CA PRO B 139 1.97 -4.31 -24.65
C PRO B 139 2.80 -5.52 -24.15
N LEU B 140 4.09 -5.58 -24.41
CA LEU B 140 4.89 -6.69 -23.91
C LEU B 140 6.14 -6.22 -23.20
N TYR B 141 6.49 -6.89 -22.10
CA TYR B 141 7.70 -6.60 -21.31
C TYR B 141 8.84 -7.54 -21.74
N HIS B 142 9.75 -7.08 -22.59
CA HIS B 142 10.83 -7.92 -23.11
C HIS B 142 11.83 -8.35 -22.03
N PHE B 150 18.90 2.67 -22.87
CA PHE B 150 17.45 2.81 -22.97
C PHE B 150 17.04 4.19 -23.49
N ARG B 151 16.13 4.19 -24.46
CA ARG B 151 15.60 5.43 -25.02
C ARG B 151 14.19 5.22 -25.59
N LEU B 152 13.33 6.23 -25.47
CA LEU B 152 12.00 6.16 -26.06
C LEU B 152 12.13 5.95 -27.57
N SER B 153 11.23 5.18 -28.15
CA SER B 153 11.24 4.97 -29.59
C SER B 153 10.59 6.20 -30.22
N GLN B 154 10.80 6.39 -31.52
CA GLN B 154 10.25 7.54 -32.26
C GLN B 154 8.73 7.47 -32.21
N ASP B 155 8.24 6.25 -32.25
CA ASP B 155 6.80 6.04 -32.17
C ASP B 155 6.24 6.62 -30.86
N ASP B 156 6.90 6.36 -29.74
CA ASP B 156 6.41 6.92 -28.47
C ASP B 156 6.48 8.46 -28.49
N ILE B 157 7.59 8.98 -29.04
CA ILE B 157 7.79 10.42 -29.08
C ILE B 157 6.70 11.09 -29.89
N ASN B 158 6.45 10.57 -31.10
CA ASN B 158 5.41 11.13 -31.97
C ASN B 158 4.06 11.06 -31.30
N GLY B 159 3.79 9.95 -30.62
CA GLY B 159 2.54 9.78 -29.90
C GLY B 159 2.30 10.81 -28.82
N ILE B 160 3.24 10.93 -27.89
CA ILE B 160 3.10 11.89 -26.81
C ILE B 160 3.16 13.35 -27.34
N GLN B 161 3.91 13.57 -28.40
CA GLN B 161 3.96 14.92 -28.93
C GLN B 161 2.69 15.33 -29.66
N SER B 162 1.99 14.35 -30.21
CA SER B 162 0.73 14.64 -30.89
C SER B 162 -0.28 15.18 -29.90
N LEU B 163 -0.06 14.86 -28.62
CA LEU B 163 -0.93 15.33 -27.56
C LEU B 163 -0.49 16.68 -26.98
N TYR B 164 0.81 16.80 -26.69
CA TYR B 164 1.34 17.96 -25.97
C TYR B 164 2.36 18.80 -26.73
N GLY B 165 2.76 18.36 -27.91
CA GLY B 165 3.84 19.01 -28.64
C GLY B 165 5.22 18.74 -28.01
N PRO B 166 6.28 19.17 -28.68
CA PRO B 166 7.65 18.98 -28.21
C PRO B 166 8.05 19.98 -27.13
N PRO B 167 9.20 19.82 -26.50
CA PRO B 167 9.62 20.78 -25.49
C PRO B 167 9.84 22.14 -26.13
N PRO B 168 9.48 23.21 -25.44
CA PRO B 168 9.64 24.55 -25.95
C PRO B 168 11.13 24.97 -26.08
N ASP B 169 12.04 24.31 -25.37
CA ASP B 169 13.44 24.71 -25.47
C ASP B 169 14.24 23.87 -26.45
N SER B 170 13.53 23.06 -27.24
CA SER B 170 14.14 22.04 -28.08
C SER B 170 13.94 22.31 -29.57
N PRO B 171 14.98 22.09 -30.40
CA PRO B 171 14.86 22.25 -31.83
C PRO B 171 14.31 20.97 -32.45
N GLU B 172 13.82 21.05 -33.68
CA GLU B 172 13.28 19.89 -34.36
C GLU B 172 14.25 19.60 -35.47
N THR B 173 14.54 18.32 -35.68
CA THR B 173 15.40 17.95 -36.79
C THR B 173 14.59 18.05 -38.07
ZN ZN C . -10.99 -1.78 18.66
ZN ZN D . -10.21 -2.88 5.52
CA CA E . -9.48 7.71 9.69
CA CA F . -0.32 8.68 6.37
CA CA G . -6.27 -13.69 7.19
ZN ZN H . 0.05 -0.81 -20.80
ZN ZN I . -5.91 -0.57 -9.78
CA CA J . 0.25 -9.85 -11.66
CA CA K . 6.20 -7.54 -4.22
CA CA L . -5.89 11.14 -10.70
C1 BBH M . 2.95 -4.62 -18.89
C2 BBH M . 3.94 -4.81 -19.89
C3 BBH M . 4.94 -3.84 -20.13
C4 BBH M . 4.93 -2.69 -19.33
C5 BBH M . 3.94 -2.51 -18.34
C6 BBH M . 2.95 -3.46 -18.11
O7 BBH M . 5.79 -1.80 -19.46
C8 BBH M . 6.89 -1.95 -20.37
S9 BBH M . 1.71 -5.76 -18.53
O10 BBH M . 1.22 -5.46 -17.16
O11 BBH M . 2.33 -7.06 -18.71
N12 BBH M . 0.43 -5.49 -19.50
C13 BBH M . -0.62 -4.60 -18.95
C14 BBH M . -2.05 -5.13 -19.17
C15 BBH M . -2.24 -6.01 -20.42
N16 BBH M . -1.12 -6.74 -20.98
C17 BBH M . 0.26 -6.20 -20.80
O18 BBH M . -3.42 -6.13 -21.04
C BBH M . -0.45 -3.21 -19.50
NA BBH M . -0.26 -2.19 -18.65
OA BBH M . -0.20 -0.88 -19.14
OB BBH M . -0.50 -2.98 -20.81
C7 BBH M . -1.42 -7.98 -21.74
C9 BBH M . 0.07 -10.64 -19.45
C10 BBH M . -0.72 -9.61 -19.92
C11 BBH M . -0.54 -9.12 -21.23
C12 BBH M . 0.43 -9.69 -22.05
C16 BBH M . 1.26 -10.73 -21.59
C18 BBH M . 1.05 -11.20 -20.28
#